data_1CT1
#
_entry.id   1CT1
#
_cell.length_a   103.400
_cell.length_b   67.610
_cell.length_c   101.700
_cell.angle_alpha   90.00
_cell.angle_beta   131.66
_cell.angle_gamma   90.00
#
_symmetry.space_group_name_H-M   'C 1 2 1'
#
loop_
_entity.id
_entity.type
_entity.pdbx_description
1 polymer 'CHOLERA TOXIN'
2 branched 'beta-D-galactopyranose-(1-3)-2-acetamido-2-deoxy-beta-D-galactopyranose-(1-4)-[N-acetyl-alpha-neuraminic acid-(2-3)]beta-D-galactopyranose-(1-4)-beta-D-glucopyranose'
3 non-polymer 'CHLORIDE ION'
4 water water
#
_entity_poly.entity_id   1
_entity_poly.type   'polypeptide(L)'
_entity_poly.pdbx_seq_one_letter_code
;TPQNITDLCAEYHNTQIHTLNDKIFSYTESLARKREMAIITFKNGATFQVEVPGSQHIDSQKKAIERMKDTLRIAYLTEA
KVEKLCVWNNKTPHAIAAISMAN
;
_entity_poly.pdbx_strand_id   D,E,F,G,H
#
# COMPACT_ATOMS: atom_id res chain seq x y z
N THR A 1 -28.90 -5.52 6.68
CA THR A 1 -27.58 -4.84 6.75
C THR A 1 -27.79 -3.34 6.68
N PRO A 2 -27.08 -2.58 7.54
CA PRO A 2 -27.17 -1.11 7.56
C PRO A 2 -26.69 -0.52 6.24
N GLN A 3 -27.15 0.69 5.93
CA GLN A 3 -26.76 1.33 4.69
C GLN A 3 -25.95 2.61 4.88
N ASN A 4 -25.87 3.07 6.12
CA ASN A 4 -25.09 4.27 6.41
C ASN A 4 -24.49 4.15 7.81
N ILE A 5 -23.60 5.09 8.14
CA ILE A 5 -22.90 5.10 9.41
C ILE A 5 -23.75 5.36 10.65
N THR A 6 -24.79 6.17 10.54
CA THR A 6 -25.60 6.45 11.71
C THR A 6 -26.36 5.22 12.13
N ASP A 7 -26.94 4.53 11.14
CA ASP A 7 -27.69 3.31 11.39
C ASP A 7 -26.78 2.17 11.88
N LEU A 8 -25.55 2.13 11.38
CA LEU A 8 -24.63 1.09 11.82
C LEU A 8 -24.23 1.36 13.26
N CYS A 9 -23.86 2.61 13.56
CA CYS A 9 -23.43 2.99 14.89
C CYS A 9 -24.48 2.65 15.93
N ALA A 10 -25.74 2.84 15.56
CA ALA A 10 -26.85 2.57 16.43
C ALA A 10 -27.06 1.11 16.83
N GLU A 11 -26.36 0.17 16.19
CA GLU A 11 -26.51 -1.25 16.53
C GLU A 11 -25.68 -1.77 17.71
N TYR A 12 -24.88 -0.90 18.31
CA TYR A 12 -24.04 -1.35 19.41
C TYR A 12 -24.26 -0.59 20.70
N HIS A 13 -23.69 -1.08 21.80
CA HIS A 13 -23.87 -0.38 23.05
C HIS A 13 -22.77 0.66 23.32
N ASN A 14 -23.18 1.78 23.89
CA ASN A 14 -22.24 2.85 24.23
C ASN A 14 -21.44 3.48 23.11
N THR A 15 -22.07 3.63 21.95
CA THR A 15 -21.41 4.25 20.82
C THR A 15 -22.09 5.59 20.61
N GLN A 16 -21.60 6.37 19.66
CA GLN A 16 -22.17 7.67 19.35
C GLN A 16 -21.51 8.22 18.11
N ILE A 17 -22.22 9.14 17.47
CA ILE A 17 -21.75 9.79 16.27
C ILE A 17 -21.23 11.19 16.59
N HIS A 18 -20.08 11.54 16.02
CA HIS A 18 -19.53 12.88 16.18
C HIS A 18 -19.50 13.36 14.74
N THR A 19 -20.10 14.51 14.48
CA THR A 19 -20.10 15.03 13.12
C THR A 19 -18.97 16.03 13.06
N LEU A 20 -18.02 15.79 12.16
CA LEU A 20 -16.86 16.67 11.99
C LEU A 20 -16.91 17.53 10.75
N ASN A 21 -16.97 16.89 9.59
CA ASN A 21 -16.97 17.59 8.32
C ASN A 21 -15.71 18.45 8.22
N ASP A 22 -14.58 17.82 8.46
CA ASP A 22 -13.34 18.56 8.40
C ASP A 22 -12.20 17.59 8.30
N LYS A 23 -11.09 18.10 7.78
CA LYS A 23 -9.92 17.27 7.61
C LYS A 23 -9.23 17.10 8.96
N ILE A 24 -8.40 16.09 9.06
CA ILE A 24 -7.68 15.79 10.28
C ILE A 24 -6.56 16.80 10.44
N PHE A 25 -6.42 17.34 11.63
CA PHE A 25 -5.36 18.30 11.88
C PHE A 25 -4.00 17.66 12.14
N SER A 26 -3.96 16.60 12.93
CA SER A 26 -2.70 15.95 13.19
C SER A 26 -2.86 14.45 13.32
N TYR A 27 -1.77 13.75 13.01
CA TYR A 27 -1.71 12.31 13.03
C TYR A 27 -0.49 11.88 13.82
N THR A 28 -0.74 11.04 14.81
CA THR A 28 0.30 10.53 15.69
C THR A 28 0.34 9.02 15.60
N GLU A 29 1.55 8.45 15.54
CA GLU A 29 1.72 7.00 15.42
C GLU A 29 2.79 6.48 16.38
N SER A 30 2.53 5.36 17.02
CA SER A 30 3.47 4.78 17.97
C SER A 30 3.77 3.30 17.81
N LEU A 31 5.04 2.96 17.99
CA LEU A 31 5.46 1.56 17.91
C LEU A 31 5.90 1.08 19.30
N ALA A 32 5.73 1.93 20.31
CA ALA A 32 6.11 1.56 21.67
C ALA A 32 5.24 0.44 22.17
N ARG A 33 5.89 -0.46 22.88
CA ARG A 33 5.27 -1.66 23.42
C ARG A 33 4.04 -1.39 24.27
N LYS A 34 2.96 -2.11 23.94
CA LYS A 34 1.64 -2.05 24.58
C LYS A 34 0.87 -0.79 24.16
N ARG A 35 1.49 0.05 23.35
CA ARG A 35 0.82 1.25 22.87
C ARG A 35 1.08 1.44 21.38
N GLU A 36 1.04 0.33 20.66
CA GLU A 36 1.23 0.37 19.22
C GLU A 36 -0.14 0.85 18.75
N MET A 37 -0.25 2.15 18.49
CA MET A 37 -1.51 2.74 18.14
C MET A 37 -1.33 4.02 17.35
N ALA A 38 -2.46 4.61 16.96
CA ALA A 38 -2.50 5.85 16.21
C ALA A 38 -3.50 6.78 16.88
N ILE A 39 -3.27 8.09 16.78
CA ILE A 39 -4.14 9.09 17.39
C ILE A 39 -4.26 10.25 16.43
N ILE A 40 -5.47 10.79 16.28
CA ILE A 40 -5.70 11.91 15.40
C ILE A 40 -6.47 12.95 16.19
N THR A 41 -6.38 14.21 15.75
CA THR A 41 -7.13 15.32 16.36
C THR A 41 -7.61 16.25 15.25
N PHE A 42 -8.54 17.11 15.60
CA PHE A 42 -9.07 18.09 14.67
C PHE A 42 -8.80 19.46 15.32
N LYS A 43 -8.78 20.52 14.53
CA LYS A 43 -8.53 21.88 15.02
C LYS A 43 -9.32 22.22 16.29
N ASN A 44 -10.56 21.73 16.39
CA ASN A 44 -11.40 21.98 17.55
C ASN A 44 -10.89 21.25 18.81
N GLY A 45 -9.70 20.67 18.71
CA GLY A 45 -9.13 19.94 19.81
C GLY A 45 -9.65 18.52 19.97
N ALA A 46 -10.67 18.12 19.23
CA ALA A 46 -11.21 16.77 19.36
C ALA A 46 -10.11 15.75 19.08
N THR A 47 -10.02 14.72 19.92
CA THR A 47 -9.00 13.69 19.82
C THR A 47 -9.64 12.29 19.83
N PHE A 48 -9.11 11.42 18.97
CA PHE A 48 -9.62 10.07 18.88
C PHE A 48 -8.48 9.12 18.68
N GLN A 49 -8.68 7.86 19.06
CA GLN A 49 -7.67 6.82 18.95
C GLN A 49 -8.23 5.59 18.31
N VAL A 50 -7.32 4.77 17.79
CA VAL A 50 -7.68 3.48 17.23
C VAL A 50 -7.03 2.63 18.29
N GLU A 51 -7.83 1.77 18.90
CA GLU A 51 -7.39 0.89 19.98
C GLU A 51 -6.19 0.02 19.65
N VAL A 52 -5.41 -0.26 20.67
CA VAL A 52 -4.27 -1.15 20.53
C VAL A 52 -4.95 -2.55 20.46
N PRO A 53 -4.62 -3.39 19.46
CA PRO A 53 -5.27 -4.70 19.39
C PRO A 53 -5.02 -5.57 20.62
N GLY A 54 -6.12 -6.05 21.20
CA GLY A 54 -6.01 -6.87 22.38
C GLY A 54 -6.46 -8.29 22.20
N SER A 55 -6.40 -9.03 23.29
CA SER A 55 -6.79 -10.43 23.40
C SER A 55 -8.24 -10.69 22.98
N GLN A 56 -9.10 -9.72 23.30
CA GLN A 56 -10.52 -9.77 22.97
C GLN A 56 -10.77 -9.89 21.47
N HIS A 57 -9.98 -9.18 20.68
CA HIS A 57 -10.17 -9.18 19.23
C HIS A 57 -9.77 -10.47 18.50
N ILE A 58 -10.60 -10.85 17.53
CA ILE A 58 -10.34 -12.01 16.69
C ILE A 58 -9.53 -11.47 15.53
N ASP A 59 -8.91 -12.35 14.75
CA ASP A 59 -8.09 -11.87 13.65
C ASP A 59 -8.82 -10.98 12.64
N SER A 60 -10.12 -11.18 12.46
CA SER A 60 -10.89 -10.34 11.54
C SER A 60 -11.02 -8.94 12.13
N GLN A 61 -11.03 -8.87 13.45
CA GLN A 61 -11.09 -7.60 14.15
C GLN A 61 -9.72 -6.99 13.97
N LYS A 62 -8.71 -7.81 14.18
CA LYS A 62 -7.33 -7.38 14.06
C LYS A 62 -6.98 -6.77 12.71
N LYS A 63 -7.40 -7.45 11.63
CA LYS A 63 -7.12 -6.95 10.29
C LYS A 63 -7.83 -5.64 10.02
N ALA A 64 -9.02 -5.48 10.62
CA ALA A 64 -9.80 -4.27 10.44
C ALA A 64 -9.12 -3.12 11.17
N ILE A 65 -8.50 -3.43 12.30
CA ILE A 65 -7.78 -2.41 13.07
C ILE A 65 -6.61 -1.91 12.22
N GLU A 66 -5.97 -2.83 11.52
CA GLU A 66 -4.85 -2.49 10.65
C GLU A 66 -5.26 -1.57 9.51
N ARG A 67 -6.39 -1.87 8.88
CA ARG A 67 -6.90 -1.08 7.75
C ARG A 67 -7.28 0.36 8.16
N MET A 68 -7.97 0.47 9.30
CA MET A 68 -8.40 1.75 9.82
C MET A 68 -7.17 2.65 9.96
N LYS A 69 -6.07 2.07 10.45
CA LYS A 69 -4.85 2.85 10.60
C LYS A 69 -4.32 3.33 9.24
N ASP A 70 -4.34 2.45 8.25
CA ASP A 70 -3.90 2.80 6.91
C ASP A 70 -4.79 3.91 6.41
N THR A 71 -6.09 3.70 6.55
CA THR A 71 -7.06 4.67 6.11
C THR A 71 -6.79 6.07 6.70
N LEU A 72 -6.58 6.13 8.00
CA LEU A 72 -6.36 7.41 8.66
C LEU A 72 -5.09 8.11 8.20
N ARG A 73 -4.04 7.33 7.99
CA ARG A 73 -2.80 7.93 7.55
C ARG A 73 -2.98 8.57 6.18
N ILE A 74 -3.50 7.81 5.23
CA ILE A 74 -3.68 8.34 3.89
C ILE A 74 -4.71 9.49 3.89
N ALA A 75 -5.71 9.40 4.76
CA ALA A 75 -6.74 10.44 4.84
C ALA A 75 -6.06 11.70 5.27
N TYR A 76 -5.23 11.59 6.31
CA TYR A 76 -4.50 12.73 6.81
C TYR A 76 -3.62 13.28 5.70
N LEU A 77 -2.87 12.43 5.04
CA LEU A 77 -2.01 12.90 3.96
C LEU A 77 -2.69 13.57 2.78
N THR A 78 -3.87 13.11 2.39
CA THR A 78 -4.57 13.70 1.24
C THR A 78 -5.43 14.88 1.65
N GLU A 79 -5.57 15.11 2.94
CA GLU A 79 -6.39 16.21 3.44
C GLU A 79 -7.87 16.03 3.15
N ALA A 80 -8.31 14.78 3.10
CA ALA A 80 -9.70 14.44 2.84
C ALA A 80 -10.57 14.93 3.99
N LYS A 81 -11.78 15.37 3.66
CA LYS A 81 -12.70 15.85 4.67
C LYS A 81 -13.40 14.65 5.34
N VAL A 82 -13.26 14.48 6.65
CA VAL A 82 -13.98 13.38 7.27
C VAL A 82 -15.31 13.94 7.73
N GLU A 83 -16.37 13.21 7.37
CA GLU A 83 -17.72 13.60 7.70
C GLU A 83 -18.13 13.22 9.10
N LYS A 84 -18.25 11.93 9.36
CA LYS A 84 -18.64 11.46 10.69
C LYS A 84 -17.79 10.31 11.16
N LEU A 85 -17.82 10.13 12.47
CA LEU A 85 -17.10 9.08 13.15
C LEU A 85 -18.03 8.41 14.14
N CYS A 86 -18.04 7.09 14.15
CA CYS A 86 -18.85 6.39 15.12
C CYS A 86 -17.80 5.99 16.15
N VAL A 87 -18.01 6.37 17.41
CA VAL A 87 -17.02 6.05 18.44
C VAL A 87 -17.60 5.39 19.67
N TRP A 88 -16.74 4.68 20.40
CA TRP A 88 -17.10 4.05 21.68
C TRP A 88 -16.87 5.17 22.69
N ASN A 89 -17.89 5.51 23.45
CA ASN A 89 -17.77 6.58 24.43
C ASN A 89 -17.39 6.09 25.83
N ASN A 90 -17.11 4.79 25.97
CA ASN A 90 -16.70 4.22 27.25
C ASN A 90 -15.16 4.25 27.41
N LYS A 91 -14.47 4.86 26.43
CA LYS A 91 -13.01 4.97 26.43
C LYS A 91 -12.56 6.43 26.31
N THR A 92 -11.31 6.69 26.68
CA THR A 92 -10.75 8.04 26.61
C THR A 92 -9.27 8.04 26.22
N PRO A 93 -8.92 8.69 25.09
CA PRO A 93 -9.83 9.40 24.17
C PRO A 93 -10.82 8.46 23.51
N HIS A 94 -11.93 8.99 23.03
CA HIS A 94 -12.95 8.16 22.41
C HIS A 94 -12.40 7.32 21.26
N ALA A 95 -12.65 6.01 21.34
CA ALA A 95 -12.15 5.05 20.34
C ALA A 95 -13.05 4.91 19.11
N ILE A 96 -12.42 4.86 17.94
CA ILE A 96 -13.11 4.79 16.68
C ILE A 96 -13.67 3.42 16.30
N ALA A 97 -14.94 3.38 15.91
CA ALA A 97 -15.59 2.15 15.48
C ALA A 97 -15.80 2.12 13.96
N ALA A 98 -16.02 3.30 13.38
CA ALA A 98 -16.27 3.42 11.96
C ALA A 98 -16.05 4.86 11.54
N ILE A 99 -15.87 5.08 10.25
CA ILE A 99 -15.64 6.40 9.70
C ILE A 99 -16.31 6.57 8.35
N SER A 100 -16.77 7.79 8.07
CA SER A 100 -17.37 8.12 6.77
C SER A 100 -16.66 9.38 6.22
N MET A 101 -16.47 9.41 4.91
CA MET A 101 -15.82 10.51 4.24
C MET A 101 -16.70 10.85 3.06
N ALA A 102 -16.86 12.14 2.84
CA ALA A 102 -17.68 12.66 1.75
C ALA A 102 -17.37 14.13 1.67
N ASN A 103 -17.53 14.70 0.48
CA ASN A 103 -17.29 16.12 0.28
C ASN A 103 -18.57 16.83 -0.17
N THR B 1 -12.58 -17.42 -20.63
CA THR B 1 -12.24 -16.21 -19.85
C THR B 1 -12.83 -14.95 -20.45
N PRO B 2 -13.58 -14.21 -19.65
CA PRO B 2 -14.21 -12.97 -20.11
C PRO B 2 -13.21 -11.89 -20.51
N GLN B 3 -13.64 -11.07 -21.45
CA GLN B 3 -12.85 -9.96 -21.95
C GLN B 3 -13.28 -8.67 -21.25
N ASN B 4 -14.51 -8.66 -20.73
CA ASN B 4 -15.06 -7.49 -20.07
C ASN B 4 -15.98 -7.81 -18.88
N ILE B 5 -16.33 -6.77 -18.13
CA ILE B 5 -17.17 -6.87 -16.93
C ILE B 5 -18.60 -7.38 -17.18
N THR B 6 -19.18 -7.00 -18.33
CA THR B 6 -20.54 -7.39 -18.69
C THR B 6 -20.63 -8.90 -18.86
N ASP B 7 -19.73 -9.45 -19.65
CA ASP B 7 -19.70 -10.88 -19.89
C ASP B 7 -19.35 -11.63 -18.61
N LEU B 8 -18.43 -11.06 -17.83
CA LEU B 8 -18.05 -11.68 -16.59
C LEU B 8 -19.26 -11.75 -15.67
N CYS B 9 -19.99 -10.66 -15.56
CA CYS B 9 -21.14 -10.63 -14.69
C CYS B 9 -22.15 -11.65 -15.16
N ALA B 10 -22.25 -11.80 -16.47
CA ALA B 10 -23.18 -12.74 -17.07
C ALA B 10 -22.89 -14.19 -16.69
N GLU B 11 -21.75 -14.45 -16.06
CA GLU B 11 -21.37 -15.81 -15.67
C GLU B 11 -21.88 -16.26 -14.29
N TYR B 12 -22.53 -15.38 -13.54
CA TYR B 12 -22.99 -15.74 -12.21
C TYR B 12 -24.47 -15.55 -12.01
N HIS B 13 -24.99 -16.14 -10.93
CA HIS B 13 -26.40 -16.05 -10.61
C HIS B 13 -26.71 -14.85 -9.77
N ASN B 14 -27.84 -14.22 -10.06
CA ASN B 14 -28.30 -13.06 -9.29
C ASN B 14 -27.39 -11.86 -9.40
N THR B 15 -26.59 -11.78 -10.46
CA THR B 15 -25.70 -10.64 -10.60
C THR B 15 -26.43 -9.60 -11.41
N GLN B 16 -25.79 -8.45 -11.58
CA GLN B 16 -26.41 -7.36 -12.32
C GLN B 16 -25.41 -6.23 -12.52
N ILE B 17 -25.41 -5.63 -13.69
CA ILE B 17 -24.50 -4.55 -14.00
C ILE B 17 -25.17 -3.20 -13.76
N HIS B 18 -24.39 -2.24 -13.28
CA HIS B 18 -24.87 -0.89 -13.01
C HIS B 18 -23.91 0.06 -13.70
N THR B 19 -24.45 0.92 -14.56
CA THR B 19 -23.61 1.89 -15.22
C THR B 19 -23.71 3.17 -14.42
N LEU B 20 -22.59 3.60 -13.84
CA LEU B 20 -22.55 4.81 -13.05
C LEU B 20 -21.92 5.97 -13.79
N ASN B 21 -20.74 5.75 -14.36
CA ASN B 21 -20.02 6.79 -15.08
C ASN B 21 -19.95 8.03 -14.20
N ASP B 22 -19.64 7.79 -12.94
CA ASP B 22 -19.58 8.86 -11.96
C ASP B 22 -18.59 8.47 -10.87
N LYS B 23 -18.02 9.46 -10.18
CA LYS B 23 -17.07 9.21 -9.10
C LYS B 23 -17.87 8.86 -7.84
N ILE B 24 -17.23 8.18 -6.90
CA ILE B 24 -17.86 7.78 -5.65
C ILE B 24 -18.19 9.01 -4.81
N PHE B 25 -19.38 9.05 -4.23
CA PHE B 25 -19.74 10.21 -3.43
C PHE B 25 -19.33 10.11 -1.98
N SER B 26 -19.55 8.94 -1.39
CA SER B 26 -19.21 8.72 0.02
C SER B 26 -18.57 7.39 0.24
N TYR B 27 -17.64 7.34 1.17
CA TYR B 27 -16.95 6.09 1.50
C TYR B 27 -17.05 5.89 2.99
N THR B 28 -17.53 4.74 3.40
CA THR B 28 -17.69 4.43 4.82
C THR B 28 -16.95 3.17 5.13
N GLU B 29 -16.23 3.17 6.25
CA GLU B 29 -15.48 2.00 6.69
C GLU B 29 -15.77 1.68 8.16
N SER B 30 -15.99 0.41 8.45
CA SER B 30 -16.31 -0.01 9.81
C SER B 30 -15.41 -1.13 10.27
N LEU B 31 -15.11 -1.16 11.56
CA LEU B 31 -14.29 -2.23 12.11
C LEU B 31 -15.06 -2.90 13.25
N ALA B 32 -16.32 -2.49 13.41
CA ALA B 32 -17.19 -3.02 14.44
C ALA B 32 -17.38 -4.50 14.20
N ARG B 33 -17.49 -5.23 15.30
CA ARG B 33 -17.64 -6.67 15.29
C ARG B 33 -18.69 -7.20 14.31
N LYS B 34 -18.27 -8.16 13.49
CA LYS B 34 -19.14 -8.79 12.50
C LYS B 34 -19.65 -7.84 11.42
N ARG B 35 -19.16 -6.62 11.41
CA ARG B 35 -19.60 -5.66 10.40
C ARG B 35 -18.38 -4.96 9.85
N GLU B 36 -17.31 -5.74 9.70
CA GLU B 36 -16.05 -5.25 9.15
C GLU B 36 -16.32 -5.17 7.66
N MET B 37 -16.54 -3.96 7.18
CA MET B 37 -16.90 -3.79 5.78
C MET B 37 -16.75 -2.36 5.33
N ALA B 38 -17.02 -2.15 4.05
CA ALA B 38 -16.97 -0.84 3.44
C ALA B 38 -18.27 -0.62 2.68
N ILE B 39 -18.75 0.61 2.66
CA ILE B 39 -19.98 0.96 1.93
C ILE B 39 -19.72 2.20 1.10
N ILE B 40 -20.19 2.19 -0.14
CA ILE B 40 -20.01 3.36 -1.02
C ILE B 40 -21.36 3.84 -1.58
N THR B 41 -21.45 5.13 -1.86
CA THR B 41 -22.66 5.69 -2.40
C THR B 41 -22.29 6.63 -3.51
N PHE B 42 -23.23 6.82 -4.43
CA PHE B 42 -23.04 7.73 -5.55
C PHE B 42 -24.04 8.88 -5.37
N LYS B 43 -23.81 9.99 -6.07
CA LYS B 43 -24.66 11.17 -5.99
C LYS B 43 -26.13 10.87 -6.30
N ASN B 44 -26.40 9.80 -7.04
CA ASN B 44 -27.78 9.46 -7.37
C ASN B 44 -28.52 8.70 -6.25
N GLY B 45 -27.79 8.35 -5.19
CA GLY B 45 -28.41 7.65 -4.09
C GLY B 45 -28.01 6.19 -4.06
N ALA B 46 -27.49 5.70 -5.17
CA ALA B 46 -27.05 4.31 -5.26
C ALA B 46 -26.06 4.02 -4.14
N THR B 47 -26.33 2.95 -3.41
CA THR B 47 -25.51 2.50 -2.29
C THR B 47 -25.08 1.03 -2.45
N PHE B 48 -23.79 0.76 -2.28
CA PHE B 48 -23.28 -0.60 -2.42
C PHE B 48 -22.34 -0.95 -1.27
N GLN B 49 -22.11 -2.24 -1.08
CA GLN B 49 -21.25 -2.67 0.01
C GLN B 49 -20.30 -3.75 -0.46
N VAL B 50 -19.22 -3.92 0.30
CA VAL B 50 -18.29 -4.99 0.05
C VAL B 50 -18.62 -5.91 1.24
N GLU B 51 -19.15 -7.08 0.94
CA GLU B 51 -19.56 -8.03 1.96
C GLU B 51 -18.49 -8.43 2.95
N VAL B 52 -18.92 -8.60 4.20
CA VAL B 52 -18.02 -9.03 5.26
C VAL B 52 -17.57 -10.45 4.88
N PRO B 53 -16.26 -10.69 4.88
CA PRO B 53 -15.81 -12.03 4.52
C PRO B 53 -16.53 -13.03 5.42
N GLY B 54 -16.86 -14.20 4.87
CA GLY B 54 -17.58 -15.16 5.67
C GLY B 54 -17.06 -16.57 5.56
N SER B 55 -17.75 -17.46 6.26
CA SER B 55 -17.44 -18.89 6.30
C SER B 55 -17.35 -19.51 4.92
N GLN B 56 -18.25 -19.09 4.03
CA GLN B 56 -18.29 -19.60 2.66
C GLN B 56 -17.02 -19.28 1.87
N HIS B 57 -16.45 -18.11 2.13
CA HIS B 57 -15.26 -17.66 1.43
C HIS B 57 -13.97 -18.43 1.72
N ILE B 58 -13.26 -18.74 0.64
CA ILE B 58 -11.99 -19.43 0.72
C ILE B 58 -10.90 -18.39 0.67
N ASP B 59 -9.66 -18.82 0.85
CA ASP B 59 -8.54 -17.90 0.85
C ASP B 59 -8.44 -16.98 -0.37
N SER B 60 -8.67 -17.51 -1.57
CA SER B 60 -8.59 -16.69 -2.78
C SER B 60 -9.60 -15.53 -2.77
N GLN B 61 -10.84 -15.85 -2.43
CA GLN B 61 -11.88 -14.85 -2.35
C GLN B 61 -11.62 -13.91 -1.18
N LYS B 62 -11.08 -14.44 -0.10
CA LYS B 62 -10.77 -13.64 1.06
C LYS B 62 -9.82 -12.50 0.74
N LYS B 63 -8.68 -12.78 0.10
CA LYS B 63 -7.80 -11.67 -0.18
C LYS B 63 -8.28 -10.79 -1.35
N ALA B 64 -9.19 -11.33 -2.16
CA ALA B 64 -9.77 -10.58 -3.25
C ALA B 64 -10.63 -9.51 -2.60
N ILE B 65 -11.37 -9.92 -1.57
CA ILE B 65 -12.23 -9.00 -0.84
C ILE B 65 -11.36 -7.89 -0.25
N GLU B 66 -10.21 -8.25 0.32
CA GLU B 66 -9.32 -7.25 0.91
C GLU B 66 -8.85 -6.23 -0.15
N ARG B 67 -8.51 -6.72 -1.34
CA ARG B 67 -8.06 -5.87 -2.44
C ARG B 67 -9.14 -4.90 -2.92
N MET B 68 -10.37 -5.39 -3.03
CA MET B 68 -11.49 -4.56 -3.47
C MET B 68 -11.63 -3.37 -2.53
N LYS B 69 -11.55 -3.63 -1.23
CA LYS B 69 -11.66 -2.56 -0.26
C LYS B 69 -10.56 -1.51 -0.49
N ASP B 70 -9.34 -1.98 -0.74
CA ASP B 70 -8.24 -1.07 -1.02
C ASP B 70 -8.58 -0.25 -2.27
N THR B 71 -9.08 -0.94 -3.27
CA THR B 71 -9.44 -0.33 -4.53
C THR B 71 -10.47 0.79 -4.37
N LEU B 72 -11.49 0.53 -3.56
CA LEU B 72 -12.53 1.53 -3.37
C LEU B 72 -12.03 2.76 -2.64
N ARG B 73 -11.15 2.54 -1.66
CA ARG B 73 -10.62 3.65 -0.90
C ARG B 73 -9.84 4.61 -1.80
N ILE B 74 -8.84 4.10 -2.49
CA ILE B 74 -8.03 4.96 -3.33
C ILE B 74 -8.84 5.58 -4.49
N ALA B 75 -9.75 4.81 -5.09
CA ALA B 75 -10.56 5.35 -6.17
C ALA B 75 -11.37 6.52 -5.62
N TYR B 76 -11.94 6.34 -4.45
CA TYR B 76 -12.68 7.41 -3.83
C TYR B 76 -11.75 8.58 -3.60
N LEU B 77 -10.55 8.31 -3.10
CA LEU B 77 -9.62 9.41 -2.83
C LEU B 77 -9.13 10.12 -4.06
N THR B 78 -8.98 9.41 -5.16
CA THR B 78 -8.51 10.04 -6.40
C THR B 78 -9.65 10.58 -7.26
N GLU B 79 -10.89 10.44 -6.79
CA GLU B 79 -12.06 10.90 -7.53
C GLU B 79 -12.11 10.23 -8.88
N ALA B 80 -11.66 9.00 -8.94
CA ALA B 80 -11.64 8.26 -10.19
C ALA B 80 -13.06 7.89 -10.60
N LYS B 81 -13.37 8.15 -11.87
CA LYS B 81 -14.69 7.86 -12.40
C LYS B 81 -14.94 6.35 -12.53
N VAL B 82 -16.00 5.84 -11.91
CA VAL B 82 -16.29 4.42 -12.09
C VAL B 82 -17.36 4.26 -13.15
N GLU B 83 -17.12 3.34 -14.08
CA GLU B 83 -17.99 3.08 -15.20
C GLU B 83 -19.15 2.16 -14.82
N LYS B 84 -18.83 0.90 -14.57
CA LYS B 84 -19.85 -0.07 -14.22
C LYS B 84 -19.48 -0.86 -13.00
N LEU B 85 -20.49 -1.44 -12.38
CA LEU B 85 -20.33 -2.27 -11.21
C LEU B 85 -21.18 -3.51 -11.42
N CYS B 86 -20.60 -4.67 -11.18
CA CYS B 86 -21.34 -5.92 -11.29
C CYS B 86 -21.65 -6.30 -9.84
N VAL B 87 -22.93 -6.37 -9.50
CA VAL B 87 -23.30 -6.70 -8.12
C VAL B 87 -24.24 -7.88 -8.01
N TRP B 88 -24.32 -8.41 -6.80
CA TRP B 88 -25.22 -9.51 -6.46
C TRP B 88 -26.44 -8.80 -5.87
N ASN B 89 -27.53 -8.79 -6.64
CA ASN B 89 -28.75 -8.11 -6.22
C ASN B 89 -29.58 -8.78 -5.13
N ASN B 90 -29.19 -9.98 -4.72
CA ASN B 90 -29.91 -10.71 -3.67
C ASN B 90 -29.52 -10.27 -2.25
N LYS B 91 -28.93 -9.09 -2.13
CA LYS B 91 -28.52 -8.57 -0.84
C LYS B 91 -28.85 -7.09 -0.79
N THR B 92 -28.85 -6.53 0.42
CA THR B 92 -29.12 -5.12 0.65
C THR B 92 -28.19 -4.51 1.71
N PRO B 93 -27.28 -3.60 1.29
CA PRO B 93 -27.08 -3.11 -0.09
C PRO B 93 -26.57 -4.24 -0.99
N HIS B 94 -26.63 -4.01 -2.29
CA HIS B 94 -26.15 -4.99 -3.26
C HIS B 94 -24.66 -5.13 -3.05
N ALA B 95 -24.19 -6.36 -3.01
CA ALA B 95 -22.77 -6.63 -2.80
C ALA B 95 -22.00 -6.47 -4.10
N ILE B 96 -20.79 -5.94 -4.02
CA ILE B 96 -19.99 -5.75 -5.20
C ILE B 96 -19.25 -7.04 -5.54
N ALA B 97 -19.22 -7.38 -6.83
CA ALA B 97 -18.55 -8.57 -7.33
C ALA B 97 -17.38 -8.17 -8.24
N ALA B 98 -17.54 -7.05 -8.95
CA ALA B 98 -16.52 -6.60 -9.87
C ALA B 98 -16.73 -5.13 -10.17
N ILE B 99 -15.65 -4.46 -10.58
CA ILE B 99 -15.72 -3.03 -10.84
C ILE B 99 -14.91 -2.72 -12.07
N SER B 100 -15.30 -1.67 -12.78
CA SER B 100 -14.57 -1.23 -13.98
C SER B 100 -14.42 0.27 -13.97
N MET B 101 -13.25 0.75 -14.36
CA MET B 101 -12.96 2.18 -14.37
C MET B 101 -12.45 2.56 -15.74
N ALA B 102 -12.91 3.68 -16.29
CA ALA B 102 -12.46 4.06 -17.63
C ALA B 102 -11.88 5.46 -17.82
N ASN B 103 -10.58 5.45 -18.11
CA ASN B 103 -9.75 6.63 -18.35
C ASN B 103 -9.60 7.65 -17.24
N THR C 1 21.61 -12.96 -16.30
CA THR C 1 20.24 -12.53 -15.97
C THR C 1 19.82 -11.55 -17.02
N PRO C 2 18.55 -11.57 -17.42
CA PRO C 2 18.06 -10.64 -18.43
C PRO C 2 18.26 -9.17 -18.01
N GLN C 3 18.57 -8.35 -18.98
CA GLN C 3 18.81 -6.95 -18.75
C GLN C 3 17.58 -6.11 -19.11
N ASN C 4 16.65 -6.66 -19.87
CA ASN C 4 15.47 -5.90 -20.28
C ASN C 4 14.30 -6.83 -20.51
N ILE C 5 13.13 -6.24 -20.68
CA ILE C 5 11.89 -7.00 -20.90
C ILE C 5 11.94 -7.90 -22.12
N THR C 6 12.60 -7.44 -23.18
CA THR C 6 12.70 -8.22 -24.40
C THR C 6 13.44 -9.55 -24.22
N ASP C 7 14.64 -9.49 -23.67
CA ASP C 7 15.46 -10.68 -23.43
C ASP C 7 14.84 -11.56 -22.38
N LEU C 8 14.10 -10.94 -21.49
CA LEU C 8 13.44 -11.68 -20.46
C LEU C 8 12.30 -12.46 -21.10
N CYS C 9 11.57 -11.80 -21.99
CA CYS C 9 10.42 -12.41 -22.66
C CYS C 9 10.83 -13.59 -23.50
N ALA C 10 11.93 -13.43 -24.22
CA ALA C 10 12.44 -14.49 -25.09
C ALA C 10 12.84 -15.78 -24.36
N GLU C 11 12.87 -15.77 -23.03
CA GLU C 11 13.25 -16.97 -22.28
C GLU C 11 12.15 -18.02 -22.09
N TYR C 12 10.92 -17.67 -22.46
CA TYR C 12 9.80 -18.61 -22.28
C TYR C 12 9.13 -18.91 -23.59
N HIS C 13 8.29 -19.93 -23.58
CA HIS C 13 7.55 -20.32 -24.77
C HIS C 13 6.19 -19.63 -24.86
N ASN C 14 5.74 -19.35 -26.08
CA ASN C 14 4.44 -18.71 -26.33
C ASN C 14 4.34 -17.28 -25.81
N THR C 15 5.42 -16.53 -25.90
CA THR C 15 5.39 -15.17 -25.43
C THR C 15 5.57 -14.24 -26.60
N GLN C 16 5.21 -12.98 -26.39
CA GLN C 16 5.35 -11.97 -27.41
C GLN C 16 5.30 -10.58 -26.77
N ILE C 17 6.10 -9.68 -27.31
CA ILE C 17 6.17 -8.30 -26.83
C ILE C 17 5.19 -7.39 -27.58
N HIS C 18 4.47 -6.55 -26.84
CA HIS C 18 3.55 -5.59 -27.42
C HIS C 18 4.07 -4.22 -26.98
N THR C 19 4.30 -3.33 -27.94
CA THR C 19 4.80 -1.99 -27.66
C THR C 19 3.60 -1.05 -27.66
N LEU C 20 3.30 -0.46 -26.52
CA LEU C 20 2.15 0.44 -26.43
C LEU C 20 2.51 1.93 -26.43
N ASN C 21 3.43 2.33 -25.56
CA ASN C 21 3.81 3.73 -25.44
C ASN C 21 2.54 4.54 -25.26
N ASP C 22 1.72 4.11 -24.31
CA ASP C 22 0.44 4.76 -24.06
C ASP C 22 -0.01 4.33 -22.67
N LYS C 23 -0.90 5.10 -22.05
CA LYS C 23 -1.39 4.80 -20.71
C LYS C 23 -2.51 3.79 -20.81
N ILE C 24 -2.95 3.27 -19.68
CA ILE C 24 -4.03 2.28 -19.66
C ILE C 24 -5.39 2.97 -19.86
N PHE C 25 -6.29 2.34 -20.62
CA PHE C 25 -7.60 2.93 -20.89
C PHE C 25 -8.67 2.53 -19.89
N SER C 26 -8.70 1.27 -19.51
CA SER C 26 -9.69 0.87 -18.54
C SER C 26 -9.12 -0.20 -17.67
N TYR C 27 -9.58 -0.23 -16.42
CA TYR C 27 -9.16 -1.18 -15.42
C TYR C 27 -10.37 -1.90 -14.84
N THR C 28 -10.30 -3.22 -14.80
CA THR C 28 -11.38 -4.02 -14.27
C THR C 28 -10.83 -5.04 -13.29
N GLU C 29 -11.52 -5.17 -12.19
CA GLU C 29 -11.11 -6.06 -11.12
C GLU C 29 -12.31 -6.91 -10.66
N SER C 30 -12.08 -8.20 -10.51
CA SER C 30 -13.14 -9.11 -10.13
C SER C 30 -12.82 -9.94 -8.88
N LEU C 31 -13.75 -9.95 -7.95
CA LEU C 31 -13.59 -10.70 -6.71
C LEU C 31 -14.45 -11.98 -6.80
N ALA C 32 -15.13 -12.15 -7.93
CA ALA C 32 -15.99 -13.31 -8.08
C ALA C 32 -15.17 -14.60 -8.02
N ARG C 33 -15.74 -15.59 -7.35
CA ARG C 33 -15.11 -16.89 -7.15
C ARG C 33 -14.72 -17.55 -8.46
N LYS C 34 -13.45 -17.93 -8.58
CA LYS C 34 -12.89 -18.56 -9.79
C LYS C 34 -12.61 -17.52 -10.87
N ARG C 35 -12.94 -16.27 -10.58
CA ARG C 35 -12.70 -15.21 -11.54
C ARG C 35 -12.06 -14.05 -10.80
N GLU C 36 -11.14 -14.38 -9.90
CA GLU C 36 -10.42 -13.37 -9.12
C GLU C 36 -9.26 -12.97 -10.03
N MET C 37 -9.44 -11.87 -10.75
CA MET C 37 -8.45 -11.42 -11.72
C MET C 37 -8.65 -9.96 -12.04
N ALA C 38 -7.74 -9.41 -12.84
CA ALA C 38 -7.84 -8.02 -13.26
C ALA C 38 -7.70 -7.97 -14.79
N ILE C 39 -8.34 -6.98 -15.44
CA ILE C 39 -8.28 -6.83 -16.89
C ILE C 39 -8.06 -5.37 -17.28
N ILE C 40 -7.30 -5.16 -18.36
CA ILE C 40 -7.01 -3.83 -18.83
C ILE C 40 -7.02 -3.74 -20.35
N THR C 41 -7.46 -2.60 -20.86
CA THR C 41 -7.47 -2.38 -22.29
C THR C 41 -6.76 -1.07 -22.54
N PHE C 42 -6.45 -0.81 -23.79
CA PHE C 42 -5.82 0.43 -24.21
C PHE C 42 -6.76 1.01 -25.26
N LYS C 43 -6.54 2.27 -25.61
CA LYS C 43 -7.39 2.97 -26.59
C LYS C 43 -7.59 2.20 -27.88
N ASN C 44 -6.51 1.63 -28.41
CA ASN C 44 -6.57 0.87 -29.66
C ASN C 44 -7.39 -0.42 -29.56
N GLY C 45 -7.85 -0.75 -28.35
CA GLY C 45 -8.66 -1.94 -28.15
C GLY C 45 -7.96 -3.15 -27.59
N ALA C 46 -6.64 -3.17 -27.57
CA ALA C 46 -5.91 -4.33 -27.05
C ALA C 46 -6.31 -4.58 -25.60
N THR C 47 -6.58 -5.84 -25.29
CA THR C 47 -7.03 -6.25 -23.97
C THR C 47 -6.06 -7.26 -23.36
N PHE C 48 -5.74 -7.11 -22.08
CA PHE C 48 -4.82 -8.05 -21.44
C PHE C 48 -5.30 -8.50 -20.06
N GLN C 49 -4.82 -9.65 -19.60
CA GLN C 49 -5.24 -10.17 -18.31
C GLN C 49 -4.08 -10.61 -17.42
N VAL C 50 -4.36 -10.57 -16.12
CA VAL C 50 -3.47 -11.06 -15.10
C VAL C 50 -4.28 -12.30 -14.69
N GLU C 51 -3.72 -13.46 -15.00
CA GLU C 51 -4.31 -14.73 -14.76
C GLU C 51 -4.69 -15.03 -13.33
N VAL C 52 -5.84 -15.69 -13.16
CA VAL C 52 -6.27 -16.11 -11.85
C VAL C 52 -5.19 -17.11 -11.45
N PRO C 53 -4.66 -17.02 -10.22
CA PRO C 53 -3.61 -17.99 -9.84
C PRO C 53 -4.14 -19.43 -9.88
N GLY C 54 -3.35 -20.32 -10.48
CA GLY C 54 -3.73 -21.72 -10.59
C GLY C 54 -2.58 -22.70 -10.54
N SER C 55 -2.82 -23.89 -11.06
CA SER C 55 -1.83 -24.96 -11.05
C SER C 55 -0.56 -24.72 -11.85
N GLN C 56 -0.60 -23.81 -12.81
CA GLN C 56 0.57 -23.53 -13.63
C GLN C 56 1.50 -22.50 -12.99
N HIS C 57 1.23 -22.14 -11.74
CA HIS C 57 2.05 -21.16 -11.03
C HIS C 57 2.61 -21.75 -9.74
N ILE C 58 3.89 -21.52 -9.48
CA ILE C 58 4.46 -22.00 -8.21
C ILE C 58 4.26 -20.91 -7.17
N ASP C 59 4.61 -21.20 -5.92
CA ASP C 59 4.45 -20.24 -4.83
C ASP C 59 5.02 -18.83 -5.04
N SER C 60 6.23 -18.74 -5.58
CA SER C 60 6.85 -17.42 -5.83
C SER C 60 6.06 -16.62 -6.85
N GLN C 61 5.35 -17.31 -7.74
CA GLN C 61 4.54 -16.64 -8.75
C GLN C 61 3.25 -16.05 -8.16
N LYS C 62 2.65 -16.70 -7.17
CA LYS C 62 1.42 -16.18 -6.56
C LYS C 62 1.62 -14.76 -6.02
N LYS C 63 2.68 -14.55 -5.26
CA LYS C 63 2.97 -13.22 -4.73
C LYS C 63 3.23 -12.23 -5.87
N ALA C 64 4.02 -12.65 -6.85
CA ALA C 64 4.32 -11.80 -7.99
C ALA C 64 2.99 -11.43 -8.69
N ILE C 65 2.01 -12.34 -8.63
CA ILE C 65 0.71 -12.06 -9.23
C ILE C 65 0.01 -10.92 -8.45
N GLU C 66 0.01 -11.00 -7.12
CA GLU C 66 -0.62 -9.95 -6.31
C GLU C 66 0.05 -8.57 -6.56
N ARG C 67 1.37 -8.58 -6.68
CA ARG C 67 2.11 -7.35 -6.93
C ARG C 67 1.79 -6.76 -8.30
N MET C 68 1.66 -7.61 -9.31
CA MET C 68 1.34 -7.14 -10.63
C MET C 68 -0.02 -6.46 -10.63
N LYS C 69 -0.97 -7.00 -9.87
CA LYS C 69 -2.29 -6.35 -9.79
C LYS C 69 -2.21 -4.98 -9.10
N ASP C 70 -1.44 -4.88 -8.03
CA ASP C 70 -1.25 -3.61 -7.34
C ASP C 70 -0.67 -2.62 -8.37
N THR C 71 0.34 -3.08 -9.08
CA THR C 71 1.02 -2.27 -10.06
C THR C 71 0.13 -1.66 -11.14
N LEU C 72 -0.68 -2.48 -11.79
CA LEU C 72 -1.55 -2.00 -12.86
C LEU C 72 -2.54 -1.00 -12.31
N ARG C 73 -3.04 -1.28 -11.11
CA ARG C 73 -3.98 -0.39 -10.48
C ARG C 73 -3.38 1.02 -10.32
N ILE C 74 -2.20 1.13 -9.71
CA ILE C 74 -1.66 2.45 -9.50
C ILE C 74 -1.21 3.12 -10.79
N ALA C 75 -0.73 2.33 -11.75
CA ALA C 75 -0.31 2.87 -13.04
C ALA C 75 -1.53 3.48 -13.73
N TYR C 76 -2.66 2.76 -13.69
CA TYR C 76 -3.91 3.26 -14.28
C TYR C 76 -4.34 4.56 -13.59
N LEU C 77 -4.39 4.53 -12.27
CA LEU C 77 -4.81 5.71 -11.52
C LEU C 77 -3.93 6.94 -11.72
N THR C 78 -2.63 6.75 -11.90
CA THR C 78 -1.73 7.87 -12.07
C THR C 78 -1.53 8.17 -13.56
N GLU C 79 -2.17 7.38 -14.41
CA GLU C 79 -2.08 7.53 -15.85
C GLU C 79 -0.66 7.40 -16.36
N ALA C 80 0.01 6.35 -15.93
CA ALA C 80 1.38 6.16 -16.36
C ALA C 80 1.46 5.51 -17.73
N LYS C 81 2.45 5.91 -18.51
CA LYS C 81 2.63 5.37 -19.83
C LYS C 81 3.32 3.99 -19.80
N VAL C 82 2.64 2.97 -20.31
CA VAL C 82 3.26 1.67 -20.34
C VAL C 82 3.95 1.59 -21.70
N GLU C 83 5.22 1.23 -21.67
CA GLU C 83 6.03 1.13 -22.86
C GLU C 83 5.77 -0.20 -23.59
N LYS C 84 6.07 -1.30 -22.88
CA LYS C 84 5.94 -2.67 -23.39
C LYS C 84 5.28 -3.68 -22.44
N LEU C 85 4.79 -4.76 -23.03
CA LEU C 85 4.19 -5.87 -22.31
C LEU C 85 4.71 -7.17 -22.90
N CYS C 86 5.11 -8.08 -22.03
CA CYS C 86 5.56 -9.39 -22.45
C CYS C 86 4.35 -10.22 -22.01
N VAL C 87 3.73 -10.91 -22.95
CA VAL C 87 2.55 -11.70 -22.65
C VAL C 87 2.61 -13.10 -23.23
N TRP C 88 1.83 -14.00 -22.64
CA TRP C 88 1.72 -15.38 -23.12
C TRP C 88 0.57 -15.31 -24.10
N ASN C 89 0.81 -15.66 -25.36
CA ASN C 89 -0.23 -15.58 -26.38
C ASN C 89 -1.10 -16.85 -26.57
N ASN C 90 -0.87 -17.89 -25.77
CA ASN C 90 -1.66 -19.12 -25.87
C ASN C 90 -2.91 -19.08 -25.02
N LYS C 91 -3.29 -17.87 -24.57
CA LYS C 91 -4.44 -17.61 -23.70
C LYS C 91 -5.22 -16.40 -24.25
N THR C 92 -6.51 -16.31 -23.93
CA THR C 92 -7.36 -15.19 -24.37
C THR C 92 -8.26 -14.68 -23.23
N PRO C 93 -8.11 -13.41 -22.85
CA PRO C 93 -7.15 -12.41 -23.33
C PRO C 93 -5.71 -12.85 -23.02
N HIS C 94 -4.75 -12.26 -23.71
CA HIS C 94 -3.35 -12.58 -23.48
C HIS C 94 -3.03 -12.34 -22.02
N ALA C 95 -2.23 -13.24 -21.43
CA ALA C 95 -1.85 -13.10 -20.03
C ALA C 95 -0.50 -12.40 -19.87
N ILE C 96 -0.48 -11.40 -18.99
CA ILE C 96 0.71 -10.62 -18.73
C ILE C 96 1.77 -11.36 -17.93
N ALA C 97 3.00 -11.36 -18.45
CA ALA C 97 4.13 -11.99 -17.79
C ALA C 97 5.07 -10.92 -17.22
N ALA C 98 5.16 -9.79 -17.92
CA ALA C 98 6.02 -8.70 -17.50
C ALA C 98 5.52 -7.39 -18.10
N ILE C 99 5.98 -6.29 -17.50
CA ILE C 99 5.62 -4.95 -17.94
C ILE C 99 6.80 -3.99 -17.76
N SER C 100 6.84 -2.95 -18.59
CA SER C 100 7.88 -1.97 -18.45
C SER C 100 7.20 -0.62 -18.60
N MET C 101 7.68 0.38 -17.88
CA MET C 101 7.12 1.70 -17.98
C MET C 101 8.29 2.61 -18.08
N ALA C 102 8.18 3.54 -19.01
CA ALA C 102 9.23 4.52 -19.26
C ALA C 102 8.58 5.85 -19.59
N ASN C 103 8.89 6.85 -18.77
CA ASN C 103 8.36 8.20 -18.92
C ASN C 103 8.62 8.80 -20.29
N THR D 1 23.27 1.50 13.77
CA THR D 1 24.72 1.78 13.91
C THR D 1 25.23 2.67 12.77
N PRO D 2 25.38 2.15 11.52
CA PRO D 2 25.85 3.09 10.49
C PRO D 2 24.86 4.23 10.36
N GLN D 3 25.35 5.43 10.09
CA GLN D 3 24.48 6.58 9.97
C GLN D 3 24.09 6.90 8.55
N ASN D 4 24.86 6.43 7.58
CA ASN D 4 24.53 6.70 6.19
C ASN D 4 24.74 5.49 5.30
N ILE D 5 24.29 5.62 4.06
CA ILE D 5 24.37 4.56 3.09
C ILE D 5 25.82 4.19 2.77
N THR D 6 26.70 5.18 2.74
CA THR D 6 28.09 4.91 2.44
C THR D 6 28.70 3.97 3.47
N ASP D 7 28.58 4.34 4.74
CA ASP D 7 29.10 3.53 5.83
C ASP D 7 28.45 2.14 5.82
N LEU D 8 27.15 2.11 5.62
CA LEU D 8 26.45 0.82 5.61
C LEU D 8 26.98 -0.03 4.47
N CYS D 9 27.12 0.58 3.30
CA CYS D 9 27.60 -0.14 2.13
C CYS D 9 28.97 -0.72 2.38
N ALA D 10 29.76 0.00 3.15
CA ALA D 10 31.13 -0.41 3.47
C ALA D 10 31.22 -1.67 4.31
N GLU D 11 30.13 -2.11 4.91
CA GLU D 11 30.20 -3.29 5.76
C GLU D 11 30.09 -4.63 5.04
N TYR D 12 30.02 -4.61 3.72
CA TYR D 12 29.89 -5.85 2.99
C TYR D 12 30.94 -5.96 1.93
N HIS D 13 31.19 -7.19 1.46
CA HIS D 13 32.18 -7.45 0.40
C HIS D 13 31.51 -7.31 -0.96
N ASN D 14 32.30 -6.92 -1.96
CA ASN D 14 31.83 -6.74 -3.34
C ASN D 14 30.79 -5.64 -3.55
N THR D 15 30.79 -4.60 -2.71
CA THR D 15 29.80 -3.54 -2.89
C THR D 15 30.42 -2.31 -3.50
N GLN D 16 29.59 -1.35 -3.92
CA GLN D 16 30.06 -0.10 -4.49
C GLN D 16 28.90 0.89 -4.51
N ILE D 17 29.24 2.17 -4.39
CA ILE D 17 28.26 3.24 -4.40
C ILE D 17 28.21 3.89 -5.79
N HIS D 18 27.00 4.25 -6.21
CA HIS D 18 26.78 4.92 -7.46
C HIS D 18 26.00 6.15 -7.09
N THR D 19 26.51 7.31 -7.43
CA THR D 19 25.79 8.53 -7.11
C THR D 19 25.08 8.82 -8.41
N LEU D 20 23.77 9.00 -8.33
CA LEU D 20 22.98 9.26 -9.52
C LEU D 20 22.32 10.62 -9.52
N ASN D 21 21.78 11.05 -8.38
CA ASN D 21 21.11 12.34 -8.32
C ASN D 21 20.20 12.57 -9.51
N ASP D 22 19.39 11.59 -9.82
CA ASP D 22 18.50 11.71 -10.94
C ASP D 22 17.33 10.80 -10.66
N LYS D 23 16.27 10.94 -11.46
CA LYS D 23 15.07 10.12 -11.29
C LYS D 23 15.20 8.83 -12.11
N ILE D 24 14.48 7.78 -11.69
CA ILE D 24 14.49 6.50 -12.40
C ILE D 24 13.89 6.71 -13.78
N PHE D 25 14.57 6.20 -14.80
CA PHE D 25 14.10 6.34 -16.17
C PHE D 25 13.08 5.30 -16.63
N SER D 26 13.27 4.04 -16.26
CA SER D 26 12.30 3.04 -16.66
C SER D 26 12.22 2.06 -15.55
N TYR D 27 11.06 1.44 -15.44
CA TYR D 27 10.79 0.45 -14.42
C TYR D 27 10.16 -0.78 -15.06
N THR D 28 10.74 -1.94 -14.78
CA THR D 28 10.27 -3.20 -15.33
C THR D 28 9.99 -4.20 -14.21
N GLU D 29 8.84 -4.86 -14.29
CA GLU D 29 8.43 -5.83 -13.28
C GLU D 29 8.03 -7.15 -13.95
N SER D 30 8.47 -8.28 -13.39
CA SER D 30 8.16 -9.58 -13.95
C SER D 30 7.59 -10.60 -12.97
N LEU D 31 6.65 -11.40 -13.45
CA LEU D 31 6.04 -12.43 -12.61
C LEU D 31 6.35 -13.82 -13.17
N ALA D 32 7.23 -13.89 -14.17
CA ALA D 32 7.60 -15.19 -14.77
C ALA D 32 8.47 -15.98 -13.80
N ARG D 33 8.26 -17.29 -13.80
CA ARG D 33 8.96 -18.20 -12.91
C ARG D 33 10.46 -18.08 -12.94
N LYS D 34 11.03 -17.87 -11.76
CA LYS D 34 12.47 -17.70 -11.59
C LYS D 34 12.92 -16.38 -12.16
N ARG D 35 11.96 -15.50 -12.41
CA ARG D 35 12.25 -14.19 -12.90
C ARG D 35 11.31 -13.23 -12.21
N GLU D 36 10.94 -13.54 -10.99
CA GLU D 36 10.04 -12.67 -10.24
C GLU D 36 10.99 -11.61 -9.68
N MET D 37 11.12 -10.54 -10.45
CA MET D 37 12.05 -9.47 -10.09
C MET D 37 11.65 -8.14 -10.70
N ALA D 38 12.48 -7.13 -10.39
CA ALA D 38 12.30 -5.79 -10.89
C ALA D 38 13.67 -5.31 -11.41
N ILE D 39 13.60 -4.44 -12.43
CA ILE D 39 14.75 -3.84 -13.08
C ILE D 39 14.49 -2.35 -13.33
N ILE D 40 15.48 -1.52 -13.02
CA ILE D 40 15.34 -0.10 -13.22
C ILE D 40 16.50 0.39 -14.05
N THR D 41 16.28 1.53 -14.69
CA THR D 41 17.27 2.16 -15.57
C THR D 41 17.32 3.64 -15.29
N PHE D 42 18.46 4.25 -15.60
CA PHE D 42 18.62 5.68 -15.46
C PHE D 42 18.96 6.19 -16.85
N LYS D 43 18.67 7.46 -17.11
CA LYS D 43 18.86 8.07 -18.42
C LYS D 43 20.14 7.75 -19.19
N ASN D 44 21.24 7.63 -18.47
CA ASN D 44 22.55 7.32 -19.07
C ASN D 44 22.73 5.85 -19.51
N GLY D 45 21.74 4.99 -19.25
CA GLY D 45 21.84 3.59 -19.62
C GLY D 45 22.04 2.63 -18.47
N ALA D 46 22.65 3.09 -17.37
CA ALA D 46 22.90 2.25 -16.17
C ALA D 46 21.67 1.43 -15.71
N THR D 47 21.86 0.11 -15.62
CA THR D 47 20.79 -0.82 -15.25
C THR D 47 21.04 -1.53 -13.94
N PHE D 48 19.98 -1.64 -13.14
CA PHE D 48 20.05 -2.29 -11.84
C PHE D 48 18.87 -3.23 -11.63
N GLN D 49 19.03 -4.18 -10.72
CA GLN D 49 17.99 -5.16 -10.43
C GLN D 49 17.82 -5.40 -8.95
N VAL D 50 16.66 -5.95 -8.63
CA VAL D 50 16.35 -6.37 -7.27
C VAL D 50 16.36 -7.87 -7.59
N GLU D 51 17.17 -8.61 -6.86
CA GLU D 51 17.30 -10.04 -7.08
C GLU D 51 16.10 -10.87 -6.70
N VAL D 52 15.91 -11.96 -7.43
CA VAL D 52 14.85 -12.90 -7.13
C VAL D 52 15.35 -13.53 -5.83
N PRO D 53 14.47 -13.67 -4.84
CA PRO D 53 14.83 -14.27 -3.54
C PRO D 53 15.54 -15.57 -3.80
N GLY D 54 16.51 -15.88 -2.97
CA GLY D 54 17.29 -17.09 -3.18
C GLY D 54 17.88 -17.55 -1.88
N SER D 55 18.61 -18.66 -1.95
CA SER D 55 19.25 -19.24 -0.79
C SER D 55 20.29 -18.33 -0.17
N GLN D 56 20.62 -17.23 -0.85
CA GLN D 56 21.58 -16.29 -0.29
C GLN D 56 20.86 -15.27 0.57
N HIS D 57 19.57 -15.47 0.80
CA HIS D 57 18.77 -14.55 1.61
C HIS D 57 18.00 -15.31 2.72
N ILE D 58 17.68 -14.62 3.82
CA ILE D 58 16.89 -15.21 4.91
C ILE D 58 15.54 -14.50 4.97
N ASP D 59 14.60 -15.06 5.72
CA ASP D 59 13.27 -14.48 5.80
C ASP D 59 13.22 -12.97 6.03
N SER D 60 14.15 -12.46 6.85
CA SER D 60 14.19 -11.01 7.12
C SER D 60 14.52 -10.21 5.85
N GLN D 61 15.41 -10.75 5.03
CA GLN D 61 15.80 -10.10 3.81
C GLN D 61 14.68 -10.26 2.79
N LYS D 62 13.94 -11.35 2.86
CA LYS D 62 12.85 -11.57 1.92
C LYS D 62 11.79 -10.48 2.09
N LYS D 63 11.48 -10.16 3.33
CA LYS D 63 10.53 -9.08 3.59
C LYS D 63 11.09 -7.82 2.96
N ALA D 64 12.30 -7.47 3.37
CA ALA D 64 12.96 -6.27 2.88
C ALA D 64 12.99 -6.22 1.37
N ILE D 65 13.10 -7.39 0.72
CA ILE D 65 13.12 -7.42 -0.74
C ILE D 65 11.80 -6.98 -1.34
N GLU D 66 10.70 -7.38 -0.70
CA GLU D 66 9.38 -6.99 -1.18
C GLU D 66 9.21 -5.48 -1.00
N ARG D 67 9.72 -4.98 0.12
CA ARG D 67 9.65 -3.56 0.43
C ARG D 67 10.43 -2.73 -0.60
N MET D 68 11.62 -3.17 -0.97
CA MET D 68 12.42 -2.41 -1.93
C MET D 68 11.70 -2.32 -3.25
N LYS D 69 10.96 -3.35 -3.62
CA LYS D 69 10.25 -3.29 -4.89
C LYS D 69 9.14 -2.26 -4.86
N ASP D 70 8.41 -2.22 -3.73
CA ASP D 70 7.34 -1.26 -3.56
C ASP D 70 7.94 0.15 -3.67
N THR D 71 9.08 0.31 -3.03
CA THR D 71 9.81 1.57 -3.01
C THR D 71 10.22 2.06 -4.41
N LEU D 72 10.88 1.20 -5.17
CA LEU D 72 11.30 1.58 -6.50
C LEU D 72 10.07 1.94 -7.32
N ARG D 73 8.99 1.16 -7.15
CA ARG D 73 7.77 1.45 -7.86
C ARG D 73 7.22 2.88 -7.58
N ILE D 74 7.03 3.28 -6.33
CA ILE D 74 6.49 4.64 -6.09
C ILE D 74 7.47 5.72 -6.46
N ALA D 75 8.75 5.51 -6.17
CA ALA D 75 9.76 6.50 -6.50
C ALA D 75 9.63 6.84 -7.99
N TYR D 76 9.58 5.80 -8.81
CA TYR D 76 9.44 5.95 -10.26
C TYR D 76 8.18 6.74 -10.61
N LEU D 77 7.03 6.25 -10.15
CA LEU D 77 5.75 6.90 -10.43
C LEU D 77 5.70 8.36 -9.99
N THR D 78 6.49 8.70 -8.97
CA THR D 78 6.52 10.05 -8.46
C THR D 78 7.69 10.87 -8.93
N GLU D 79 8.62 10.24 -9.67
CA GLU D 79 9.78 10.92 -10.20
C GLU D 79 10.65 11.49 -9.10
N ALA D 80 10.78 10.71 -8.05
CA ALA D 80 11.58 11.15 -6.93
C ALA D 80 13.04 11.07 -7.33
N LYS D 81 13.90 11.89 -6.75
CA LYS D 81 15.31 11.87 -7.09
C LYS D 81 16.09 10.85 -6.26
N VAL D 82 16.70 9.86 -6.89
CA VAL D 82 17.50 8.97 -6.12
C VAL D 82 18.89 9.58 -6.10
N GLU D 83 19.44 9.63 -4.91
CA GLU D 83 20.76 10.17 -4.70
C GLU D 83 21.84 9.12 -5.00
N LYS D 84 21.86 8.07 -4.17
CA LYS D 84 22.82 6.98 -4.30
C LYS D 84 22.19 5.58 -4.14
N LEU D 85 22.92 4.59 -4.66
CA LEU D 85 22.53 3.18 -4.56
C LEU D 85 23.76 2.42 -4.08
N CYS D 86 23.54 1.50 -3.16
CA CYS D 86 24.61 0.63 -2.68
C CYS D 86 24.28 -0.67 -3.39
N VAL D 87 25.22 -1.20 -4.15
CA VAL D 87 24.95 -2.42 -4.88
C VAL D 87 26.05 -3.46 -4.78
N TRP D 88 25.70 -4.69 -5.15
CA TRP D 88 26.63 -5.83 -5.18
C TRP D 88 27.16 -5.87 -6.60
N ASN D 89 28.46 -5.66 -6.77
CA ASN D 89 29.00 -5.66 -8.10
C ASN D 89 29.49 -7.00 -8.62
N ASN D 90 29.13 -8.07 -7.93
CA ASN D 90 29.52 -9.41 -8.38
C ASN D 90 28.38 -10.02 -9.19
N LYS D 91 27.40 -9.21 -9.55
CA LYS D 91 26.27 -9.70 -10.34
C LYS D 91 25.93 -8.79 -11.50
N THR D 92 25.27 -9.36 -12.51
CA THR D 92 24.88 -8.59 -13.70
C THR D 92 23.42 -8.83 -14.11
N PRO D 93 22.60 -7.77 -14.09
CA PRO D 93 22.98 -6.40 -13.71
C PRO D 93 23.22 -6.28 -12.19
N HIS D 94 23.85 -5.18 -11.79
CA HIS D 94 24.16 -4.95 -10.38
C HIS D 94 22.94 -5.06 -9.45
N ALA D 95 23.09 -5.82 -8.38
CA ALA D 95 22.02 -6.02 -7.44
C ALA D 95 22.01 -4.94 -6.35
N ILE D 96 20.83 -4.35 -6.15
CA ILE D 96 20.65 -3.28 -5.19
C ILE D 96 20.63 -3.77 -3.74
N ALA D 97 21.40 -3.12 -2.90
CA ALA D 97 21.46 -3.48 -1.49
C ALA D 97 20.77 -2.43 -0.61
N ALA D 98 20.93 -1.16 -0.95
CA ALA D 98 20.35 -0.08 -0.17
C ALA D 98 20.14 1.06 -1.16
N ILE D 99 19.32 2.04 -0.77
CA ILE D 99 19.03 3.19 -1.61
C ILE D 99 18.80 4.46 -0.77
N SER D 100 19.19 5.62 -1.29
CA SER D 100 19.00 6.88 -0.58
C SER D 100 18.31 7.85 -1.51
N MET D 101 17.36 8.60 -0.97
CA MET D 101 16.61 9.59 -1.73
C MET D 101 16.69 10.89 -0.98
N ALA D 102 16.92 11.97 -1.71
CA ALA D 102 16.99 13.30 -1.13
C ALA D 102 16.65 14.31 -2.23
N ASN D 103 15.71 15.19 -1.92
CA ASN D 103 15.23 16.22 -2.82
C ASN D 103 16.30 17.12 -3.46
N THR E 1 -4.82 6.31 28.95
CA THR E 1 -4.18 6.33 27.61
C THR E 1 -3.77 7.75 27.27
N PRO E 2 -2.57 7.93 26.68
CA PRO E 2 -2.07 9.26 26.30
C PRO E 2 -2.93 9.83 25.18
N GLN E 3 -2.92 11.15 25.06
CA GLN E 3 -3.67 11.84 24.03
C GLN E 3 -2.77 12.63 23.11
N ASN E 4 -1.49 12.69 23.47
CA ASN E 4 -0.52 13.39 22.67
C ASN E 4 0.82 12.67 22.73
N ILE E 5 1.72 13.00 21.81
CA ILE E 5 3.03 12.37 21.75
C ILE E 5 3.94 12.66 22.95
N THR E 6 3.83 13.85 23.53
CA THR E 6 4.66 14.17 24.67
C THR E 6 4.38 13.30 25.87
N ASP E 7 3.10 13.12 26.17
CA ASP E 7 2.70 12.30 27.31
C ASP E 7 3.03 10.83 27.08
N LEU E 8 2.81 10.35 25.87
CA LEU E 8 3.11 8.95 25.56
C LEU E 8 4.61 8.68 25.75
N CYS E 9 5.44 9.53 25.18
CA CYS E 9 6.89 9.35 25.29
C CYS E 9 7.33 9.29 26.77
N ALA E 10 6.74 10.12 27.60
CA ALA E 10 7.04 10.21 29.03
C ALA E 10 6.77 8.94 29.83
N GLU E 11 6.20 7.94 29.17
CA GLU E 11 5.88 6.70 29.85
C GLU E 11 7.01 5.70 29.83
N TYR E 12 8.11 6.03 29.18
CA TYR E 12 9.21 5.10 29.08
C TYR E 12 10.50 5.57 29.65
N HIS E 13 11.48 4.67 29.67
CA HIS E 13 12.82 4.99 30.19
C HIS E 13 13.75 5.34 29.04
N ASN E 14 14.57 6.36 29.25
CA ASN E 14 15.51 6.77 28.23
C ASN E 14 14.89 7.29 26.91
N THR E 15 13.77 7.99 26.99
CA THR E 15 13.19 8.53 25.77
C THR E 15 13.40 10.03 25.76
N GLN E 16 12.94 10.69 24.70
CA GLN E 16 13.08 12.14 24.54
C GLN E 16 12.33 12.62 23.31
N ILE E 17 11.72 13.80 23.43
CA ILE E 17 11.02 14.40 22.32
C ILE E 17 11.98 15.30 21.55
N HIS E 18 11.87 15.30 20.24
CA HIS E 18 12.67 16.18 19.41
C HIS E 18 11.60 16.90 18.61
N THR E 19 11.64 18.22 18.61
CA THR E 19 10.67 18.98 17.86
C THR E 19 11.34 19.40 16.57
N LEU E 20 10.74 19.00 15.44
CA LEU E 20 11.33 19.34 14.15
C LEU E 20 10.54 20.39 13.39
N ASN E 21 9.23 20.18 13.25
CA ASN E 21 8.39 21.11 12.51
C ASN E 21 9.02 21.37 11.16
N ASP E 22 9.47 20.32 10.51
CA ASP E 22 10.10 20.43 9.18
C ASP E 22 9.88 19.12 8.41
N LYS E 23 10.03 19.14 7.10
CA LYS E 23 9.84 17.93 6.29
C LYS E 23 11.14 17.10 6.29
N ILE E 24 11.03 15.84 5.92
CA ILE E 24 12.19 14.95 5.89
C ILE E 24 13.15 15.35 4.78
N PHE E 25 14.44 15.43 5.09
CA PHE E 25 15.41 15.78 4.07
C PHE E 25 15.80 14.59 3.19
N SER E 26 16.08 13.44 3.79
CA SER E 26 16.42 12.28 2.98
C SER E 26 15.94 11.03 3.63
N TYR E 27 15.76 10.01 2.80
CA TYR E 27 15.27 8.72 3.22
C TYR E 27 16.19 7.62 2.67
N THR E 28 16.63 6.74 3.56
CA THR E 28 17.51 5.65 3.20
C THR E 28 16.91 4.33 3.68
N GLU E 29 16.94 3.33 2.81
CA GLU E 29 16.40 2.01 3.10
C GLU E 29 17.38 0.93 2.66
N SER E 30 17.55 -0.09 3.49
CA SER E 30 18.47 -1.17 3.22
C SER E 30 17.86 -2.56 3.38
N LEU E 31 18.27 -3.49 2.52
CA LEU E 31 17.78 -4.86 2.62
C LEU E 31 18.92 -5.81 2.99
N ALA E 32 20.12 -5.26 3.14
CA ALA E 32 21.30 -6.03 3.51
C ALA E 32 21.08 -6.73 4.86
N ARG E 33 21.54 -7.97 4.94
CA ARG E 33 21.39 -8.80 6.11
C ARG E 33 21.82 -8.11 7.38
N LYS E 34 20.97 -8.19 8.39
CA LYS E 34 21.21 -7.57 9.69
C LYS E 34 21.23 -6.06 9.64
N ARG E 35 20.87 -5.50 8.49
CA ARG E 35 20.82 -4.06 8.33
C ARG E 35 19.54 -3.73 7.59
N GLU E 36 18.51 -4.55 7.81
CA GLU E 36 17.20 -4.36 7.18
C GLU E 36 16.62 -3.24 8.02
N MET E 37 16.84 -2.01 7.57
CA MET E 37 16.42 -0.86 8.34
C MET E 37 16.17 0.37 7.48
N ALA E 38 15.70 1.43 8.14
CA ALA E 38 15.42 2.70 7.48
C ALA E 38 16.06 3.81 8.30
N ILE E 39 16.64 4.79 7.60
CA ILE E 39 17.31 5.92 8.20
C ILE E 39 16.78 7.20 7.55
N ILE E 40 16.50 8.21 8.37
CA ILE E 40 16.03 9.50 7.86
C ILE E 40 16.82 10.66 8.44
N THR E 41 16.93 11.74 7.68
CA THR E 41 17.64 12.91 8.13
C THR E 41 16.79 14.10 7.83
N PHE E 42 17.18 15.21 8.44
CA PHE E 42 16.50 16.49 8.27
C PHE E 42 17.60 17.48 7.88
N LYS E 43 17.22 18.63 7.33
CA LYS E 43 18.21 19.60 6.89
C LYS E 43 19.24 20.02 7.94
N ASN E 44 18.82 20.14 9.19
CA ASN E 44 19.73 20.54 10.26
C ASN E 44 20.74 19.43 10.60
N GLY E 45 20.79 18.39 9.79
CA GLY E 45 21.73 17.30 10.04
C GLY E 45 21.20 16.16 10.88
N ALA E 46 20.22 16.42 11.74
CA ALA E 46 19.64 15.39 12.62
C ALA E 46 19.39 14.09 11.87
N THR E 47 19.65 12.98 12.55
CA THR E 47 19.54 11.67 11.94
C THR E 47 18.88 10.69 12.91
N PHE E 48 17.92 9.92 12.39
CA PHE E 48 17.22 8.93 13.20
C PHE E 48 17.01 7.63 12.42
N GLN E 49 16.85 6.54 13.17
CA GLN E 49 16.69 5.22 12.60
C GLN E 49 15.47 4.51 13.12
N VAL E 50 15.04 3.51 12.37
CA VAL E 50 13.96 2.63 12.79
C VAL E 50 14.79 1.38 12.98
N GLU E 51 14.84 0.86 14.20
CA GLU E 51 15.63 -0.33 14.50
C GLU E 51 15.30 -1.52 13.64
N VAL E 52 16.28 -2.39 13.50
CA VAL E 52 16.14 -3.64 12.78
C VAL E 52 15.31 -4.52 13.71
N PRO E 53 14.31 -5.21 13.19
CA PRO E 53 13.46 -6.07 14.04
C PRO E 53 14.30 -7.14 14.74
N GLY E 54 13.97 -7.42 15.99
CA GLY E 54 14.72 -8.40 16.76
C GLY E 54 13.88 -9.32 17.62
N SER E 55 14.55 -10.20 18.34
CA SER E 55 13.94 -11.19 19.23
C SER E 55 13.02 -10.69 20.35
N GLN E 56 13.31 -9.51 20.89
CA GLN E 56 12.52 -8.93 21.97
C GLN E 56 11.11 -8.50 21.53
N HIS E 57 11.01 -8.06 20.28
CA HIS E 57 9.78 -7.59 19.69
C HIS E 57 8.70 -8.65 19.46
N ILE E 58 7.53 -8.45 20.07
CA ILE E 58 6.42 -9.38 19.89
C ILE E 58 5.78 -9.07 18.54
N ASP E 59 4.84 -9.90 18.13
CA ASP E 59 4.18 -9.67 16.84
C ASP E 59 3.78 -8.21 16.67
N SER E 60 3.18 -7.64 17.71
CA SER E 60 2.71 -6.26 17.68
C SER E 60 3.83 -5.27 17.42
N GLN E 61 5.01 -5.60 17.92
CA GLN E 61 6.18 -4.78 17.76
C GLN E 61 6.69 -4.80 16.33
N LYS E 62 7.01 -6.00 15.86
CA LYS E 62 7.52 -6.18 14.50
C LYS E 62 6.56 -5.57 13.50
N LYS E 63 5.29 -5.88 13.66
CA LYS E 63 4.27 -5.35 12.78
C LYS E 63 4.26 -3.81 12.85
N ALA E 64 4.33 -3.26 14.06
CA ALA E 64 4.35 -1.80 14.24
C ALA E 64 5.60 -1.20 13.55
N ILE E 65 6.70 -1.93 13.60
CA ILE E 65 7.93 -1.48 12.95
C ILE E 65 7.74 -1.42 11.42
N GLU E 66 7.14 -2.45 10.82
CA GLU E 66 6.90 -2.44 9.38
C GLU E 66 6.05 -1.21 8.99
N ARG E 67 5.05 -0.90 9.81
CA ARG E 67 4.18 0.24 9.56
C ARG E 67 4.94 1.55 9.65
N MET E 68 5.83 1.67 10.63
CA MET E 68 6.57 2.91 10.77
C MET E 68 7.35 3.18 9.51
N LYS E 69 7.88 2.12 8.89
CA LYS E 69 8.66 2.30 7.66
C LYS E 69 7.82 2.79 6.49
N ASP E 70 6.60 2.27 6.36
CA ASP E 70 5.70 2.69 5.29
C ASP E 70 5.37 4.16 5.51
N THR E 71 5.16 4.50 6.77
CA THR E 71 4.82 5.85 7.15
C THR E 71 5.90 6.89 6.79
N LEU E 72 7.14 6.62 7.17
CA LEU E 72 8.27 7.51 6.87
C LEU E 72 8.50 7.64 5.36
N ARG E 73 8.38 6.53 4.64
CA ARG E 73 8.53 6.55 3.20
C ARG E 73 7.51 7.50 2.56
N ILE E 74 6.25 7.31 2.93
CA ILE E 74 5.21 8.13 2.36
C ILE E 74 5.25 9.57 2.87
N ALA E 75 5.69 9.76 4.11
CA ALA E 75 5.82 11.11 4.66
C ALA E 75 6.87 11.84 3.82
N TYR E 76 8.00 11.16 3.58
CA TYR E 76 9.10 11.72 2.77
C TYR E 76 8.62 12.07 1.39
N LEU E 77 8.10 11.08 0.68
CA LEU E 77 7.62 11.27 -0.68
C LEU E 77 6.60 12.41 -0.83
N THR E 78 5.68 12.56 0.12
CA THR E 78 4.69 13.64 0.02
C THR E 78 5.17 14.97 0.58
N GLU E 79 6.33 14.97 1.21
CA GLU E 79 6.85 16.18 1.82
C GLU E 79 5.99 16.67 2.98
N ALA E 80 5.57 15.74 3.82
CA ALA E 80 4.75 16.08 4.96
C ALA E 80 5.66 16.66 6.06
N LYS E 81 5.14 17.65 6.75
CA LYS E 81 5.88 18.27 7.82
C LYS E 81 5.83 17.39 9.08
N VAL E 82 6.99 17.07 9.61
CA VAL E 82 7.09 16.27 10.83
C VAL E 82 7.13 17.24 12.00
N GLU E 83 6.24 17.03 12.95
CA GLU E 83 6.14 17.89 14.12
C GLU E 83 7.12 17.49 15.21
N LYS E 84 6.91 16.31 15.80
CA LYS E 84 7.77 15.82 16.86
C LYS E 84 8.05 14.35 16.70
N LEU E 85 9.15 13.93 17.31
CA LEU E 85 9.55 12.53 17.34
C LEU E 85 9.87 12.15 18.76
N CYS E 86 9.46 10.96 19.14
CA CYS E 86 9.77 10.45 20.45
C CYS E 86 10.83 9.40 20.12
N VAL E 87 11.99 9.54 20.72
CA VAL E 87 13.07 8.63 20.41
C VAL E 87 13.77 8.10 21.63
N TRP E 88 14.48 6.98 21.45
CA TRP E 88 15.28 6.36 22.49
C TRP E 88 16.65 7.05 22.38
N ASN E 89 17.06 7.73 23.44
CA ASN E 89 18.33 8.46 23.37
C ASN E 89 19.56 7.66 23.83
N ASN E 90 19.42 6.36 23.96
CA ASN E 90 20.53 5.52 24.37
C ASN E 90 21.00 4.65 23.18
N LYS E 91 20.72 5.12 21.97
CA LYS E 91 21.06 4.41 20.76
C LYS E 91 21.57 5.49 19.80
N THR E 92 22.54 5.14 18.96
CA THR E 92 23.07 6.10 17.99
C THR E 92 23.07 5.56 16.57
N PRO E 93 22.33 6.22 15.66
CA PRO E 93 21.53 7.42 15.88
C PRO E 93 20.32 7.05 16.73
N HIS E 94 19.68 8.06 17.31
CA HIS E 94 18.51 7.84 18.16
C HIS E 94 17.44 7.11 17.35
N ALA E 95 16.86 6.09 17.98
CA ALA E 95 15.83 5.25 17.37
C ALA E 95 14.41 5.79 17.62
N ILE E 96 13.59 5.75 16.58
CA ILE E 96 12.22 6.25 16.62
C ILE E 96 11.23 5.37 17.38
N ALA E 97 10.56 5.94 18.37
CA ALA E 97 9.58 5.20 19.13
C ALA E 97 8.15 5.61 18.69
N ALA E 98 7.99 6.85 18.25
CA ALA E 98 6.70 7.36 17.82
C ALA E 98 6.91 8.60 16.99
N ILE E 99 5.86 9.04 16.30
CA ILE E 99 5.94 10.25 15.47
C ILE E 99 4.59 10.99 15.40
N SER E 100 4.64 12.31 15.25
CA SER E 100 3.43 13.11 15.13
C SER E 100 3.61 14.05 13.94
N MET E 101 2.54 14.24 13.18
CA MET E 101 2.55 15.11 12.03
C MET E 101 1.38 16.04 12.11
N ALA E 102 1.65 17.31 11.84
CA ALA E 102 0.64 18.36 11.85
C ALA E 102 0.96 19.34 10.72
N ASN E 103 -0.07 19.99 10.20
CA ASN E 103 0.05 20.92 9.06
C ASN E 103 0.80 22.20 9.40
#